data_7FGZ
#
_entry.id   7FGZ
#
_cell.length_a   40.449
_cell.length_b   77.293
_cell.length_c   82.366
_cell.angle_alpha   90.000
_cell.angle_beta   90.000
_cell.angle_gamma   90.000
#
_symmetry.space_group_name_H-M   'P 2 21 21'
#
loop_
_entity.id
_entity.type
_entity.pdbx_description
1 polymer 'GH16 hydrolase'
2 non-polymer 'CALCIUM ION'
3 non-polymer '4-(2-HYDROXYETHYL)-1-PIPERAZINE ETHANESULFONIC ACID'
4 water water
#
_entity_poly.entity_id   1
_entity_poly.type   'polypeptide(L)'
_entity_poly.pdbx_seq_one_letter_code
;MQEKYKDVLLPKELTQIGDWKVDKNLSDDFNYTTKNKKFFKKWKDSYTNDWTGPGLSHFSSNHSILKDGNLEIKAERKPP
NKVYCGVISSRKEVIYPAYMEIKMKISGLKLSSNFWFISKDQVLEIDVNETYGNEPDRSKKMGTNYHIFQRTPFKDLTPN
NGKHYTAKGAPFLKDQFHRFGCHWKDAYHADFYLDGTLVRQLTIEDPRTSGVGFNQGLLMVIDTEDHDWRSKKGITPTDD
ELLDETINTMYVDWVRVYKPKLDHHHHHH
;
_entity_poly.pdbx_strand_id   A
#
# COMPACT_ATOMS: atom_id res chain seq x y z
N GLN A 2 -2.02 21.47 -7.29
CA GLN A 2 -1.90 20.70 -8.54
C GLN A 2 -3.16 19.85 -8.70
N GLU A 3 -3.13 18.57 -8.30
CA GLU A 3 -4.23 17.61 -8.58
C GLU A 3 -4.94 17.21 -7.29
N LYS A 4 -6.26 17.15 -7.37
CA LYS A 4 -7.16 16.60 -6.32
C LYS A 4 -7.67 15.24 -6.80
N TYR A 5 -7.85 14.27 -5.90
CA TYR A 5 -8.24 12.90 -6.28
C TYR A 5 -9.63 12.91 -6.96
N LYS A 6 -10.51 13.87 -6.65
CA LYS A 6 -11.92 13.88 -7.16
C LYS A 6 -11.99 14.15 -8.66
N ASP A 7 -10.95 14.76 -9.24
CA ASP A 7 -10.95 15.19 -10.66
C ASP A 7 -10.47 14.04 -11.54
N VAL A 8 -9.90 13.00 -10.93
CA VAL A 8 -9.34 11.85 -11.70
C VAL A 8 -10.45 10.82 -11.95
N LEU A 9 -10.68 10.51 -13.21
CA LEU A 9 -11.76 9.61 -13.66
C LEU A 9 -11.48 8.21 -13.10
N LEU A 10 -12.54 7.44 -12.84
CA LEU A 10 -12.42 6.01 -12.52
C LEU A 10 -12.20 5.22 -13.81
N PRO A 11 -11.55 4.03 -13.73
CA PRO A 11 -11.48 3.13 -14.88
C PRO A 11 -12.84 2.87 -15.52
N LYS A 12 -12.91 2.79 -16.86
CA LYS A 12 -14.19 2.60 -17.59
C LYS A 12 -14.86 1.32 -17.10
N GLU A 13 -14.06 0.32 -16.74
CA GLU A 13 -14.54 -0.99 -16.23
C GLU A 13 -15.42 -0.75 -14.99
N LEU A 14 -15.01 0.14 -14.09
CA LEU A 14 -15.81 0.50 -12.88
C LEU A 14 -17.08 1.26 -13.30
N THR A 15 -17.02 2.17 -14.29
CA THR A 15 -18.18 3.02 -14.67
C THR A 15 -19.20 2.19 -15.46
N GLN A 16 -18.74 1.11 -16.13
CA GLN A 16 -19.58 0.08 -16.83
C GLN A 16 -20.46 -0.70 -15.82
N ILE A 17 -20.22 -0.57 -14.51
CA ILE A 17 -20.79 -1.41 -13.41
C ILE A 17 -21.79 -0.60 -12.57
N GLY A 18 -21.57 0.71 -12.43
CA GLY A 18 -22.55 1.61 -11.81
C GLY A 18 -21.93 2.96 -11.55
N ASP A 19 -22.67 3.83 -10.85
CA ASP A 19 -22.14 5.10 -10.31
C ASP A 19 -21.38 4.75 -9.04
N TRP A 20 -20.44 5.61 -8.66
CA TRP A 20 -19.52 5.44 -7.50
C TRP A 20 -19.53 6.73 -6.71
N LYS A 21 -19.51 6.67 -5.37
CA LYS A 21 -19.29 7.87 -4.52
C LYS A 21 -18.05 7.63 -3.65
N VAL A 22 -17.49 8.74 -3.16
CA VAL A 22 -16.30 8.78 -2.29
C VAL A 22 -16.69 8.32 -0.89
N ASP A 23 -15.90 7.44 -0.29
CA ASP A 23 -15.87 7.27 1.17
C ASP A 23 -14.82 8.24 1.73
N LYS A 24 -15.31 9.35 2.31
CA LYS A 24 -14.50 10.52 2.76
C LYS A 24 -13.59 10.09 3.91
N ASN A 25 -13.99 9.09 4.67
CA ASN A 25 -13.19 8.56 5.82
C ASN A 25 -11.93 7.81 5.37
N LEU A 26 -11.80 7.41 4.11
CA LEU A 26 -10.66 6.61 3.61
C LEU A 26 -10.10 7.25 2.33
N SER A 27 -10.45 8.52 2.10
CA SER A 27 -9.92 9.35 0.99
C SER A 27 -9.23 10.60 1.56
N ASP A 28 -8.09 10.97 0.98
CA ASP A 28 -7.32 12.17 1.42
C ASP A 28 -6.46 12.70 0.29
N ASP A 29 -6.57 13.99 0.01
CA ASP A 29 -5.62 14.73 -0.86
C ASP A 29 -4.29 15.01 -0.12
N PHE A 30 -4.21 14.74 1.19
CA PHE A 30 -2.96 14.93 1.97
C PHE A 30 -2.37 16.31 1.70
N ASN A 31 -3.23 17.32 1.57
CA ASN A 31 -2.81 18.71 1.26
C ASN A 31 -2.71 19.50 2.59
N TYR A 32 -3.00 18.90 3.74
CA TYR A 32 -2.64 19.46 5.07
C TYR A 32 -1.16 19.86 5.09
N THR A 33 -0.84 20.93 5.83
CA THR A 33 0.56 21.41 6.01
C THR A 33 1.20 20.71 7.21
N THR A 34 0.39 20.09 8.08
CA THR A 34 0.84 19.29 9.26
C THR A 34 -0.14 18.16 9.52
N LYS A 35 0.21 17.28 10.46
CA LYS A 35 -0.68 16.26 11.04
C LYS A 35 -1.65 16.96 12.00
N ASN A 36 -2.79 17.39 11.47
CA ASN A 36 -3.76 18.23 12.23
C ASN A 36 -4.94 17.35 12.68
N LYS A 37 -5.96 17.97 13.26
CA LYS A 37 -7.16 17.27 13.77
C LYS A 37 -7.81 16.50 12.63
N LYS A 38 -7.90 17.07 11.43
CA LYS A 38 -8.57 16.41 10.29
C LYS A 38 -7.77 15.16 9.92
N PHE A 39 -6.43 15.25 9.91
CA PHE A 39 -5.56 14.07 9.62
C PHE A 39 -5.87 12.95 10.62
N PHE A 40 -5.97 13.26 11.92
CA PHE A 40 -6.09 12.23 12.97
C PHE A 40 -7.53 11.70 13.07
N LYS A 41 -8.51 12.41 12.52
CA LYS A 41 -9.90 11.94 12.44
C LYS A 41 -9.95 10.68 11.57
N LYS A 42 -9.15 10.61 10.50
CA LYS A 42 -9.18 9.52 9.50
C LYS A 42 -8.05 8.52 9.76
N TRP A 43 -6.86 9.01 10.12
CA TRP A 43 -5.60 8.22 10.05
C TRP A 43 -5.00 8.03 11.43
N LYS A 44 -4.25 6.97 11.59
CA LYS A 44 -3.29 6.91 12.71
C LYS A 44 -1.91 6.82 12.07
N ASP A 45 -0.93 7.51 12.64
CA ASP A 45 0.47 7.48 12.16
C ASP A 45 1.16 6.29 12.83
N SER A 46 0.52 5.13 12.78
CA SER A 46 1.09 3.81 13.21
C SER A 46 0.49 2.69 12.36
N TYR A 47 1.05 1.50 12.53
CA TYR A 47 0.45 0.22 12.10
C TYR A 47 -0.87 -0.03 12.87
N THR A 48 -1.63 -1.05 12.49
CA THR A 48 -3.00 -1.33 13.02
C THR A 48 -2.90 -1.77 14.49
N ASN A 49 -1.81 -2.41 14.88
CA ASN A 49 -1.52 -2.82 16.28
C ASN A 49 -0.07 -2.42 16.61
N ASP A 50 0.52 -2.95 17.68
CA ASP A 50 1.85 -2.46 18.14
C ASP A 50 2.96 -3.36 17.56
N TRP A 51 2.69 -4.15 16.51
CA TRP A 51 3.77 -4.74 15.68
C TRP A 51 4.72 -3.62 15.20
N THR A 52 6.03 -3.79 15.42
CA THR A 52 7.12 -2.84 15.04
C THR A 52 7.59 -3.14 13.62
N GLY A 53 7.06 -4.22 13.05
CA GLY A 53 7.16 -4.52 11.60
C GLY A 53 8.11 -5.67 11.31
N PRO A 54 8.28 -5.98 10.01
CA PRO A 54 9.05 -7.14 9.57
C PRO A 54 10.54 -6.89 9.34
N GLY A 55 11.32 -7.96 9.27
CA GLY A 55 12.77 -7.89 9.03
C GLY A 55 13.43 -6.86 9.92
N LEU A 56 14.16 -5.90 9.33
CA LEU A 56 14.89 -4.88 10.10
C LEU A 56 14.03 -3.62 10.24
N SER A 57 12.74 -3.68 9.91
CA SER A 57 11.80 -2.54 10.05
C SER A 57 11.58 -2.22 11.53
N HIS A 58 11.50 -0.93 11.86
CA HIS A 58 10.94 -0.42 13.14
C HIS A 58 9.95 0.72 12.82
N PHE A 59 8.66 0.40 12.83
CA PHE A 59 7.58 1.34 12.49
C PHE A 59 7.71 2.57 13.39
N SER A 60 7.65 3.76 12.80
CA SER A 60 7.92 5.06 13.49
C SER A 60 6.86 6.07 13.12
N SER A 61 6.15 6.58 14.10
CA SER A 61 5.17 7.67 13.97
C SER A 61 5.86 8.88 13.35
N ASN A 62 7.15 9.06 13.63
CA ASN A 62 7.91 10.28 13.25
C ASN A 62 8.42 10.15 11.80
N HIS A 63 8.15 9.04 11.13
CA HIS A 63 8.63 8.79 9.74
C HIS A 63 7.48 8.91 8.74
N SER A 64 6.36 9.50 9.17
CA SER A 64 5.32 10.08 8.29
C SER A 64 5.26 11.60 8.49
N ILE A 65 5.40 12.36 7.39
CA ILE A 65 5.43 13.85 7.31
C ILE A 65 4.34 14.32 6.34
N LEU A 66 3.71 15.47 6.62
CA LEU A 66 2.90 16.20 5.62
C LEU A 66 3.71 17.37 5.05
N LYS A 67 3.83 17.45 3.73
CA LYS A 67 4.71 18.46 3.07
C LYS A 67 4.26 18.66 1.62
N ASP A 68 3.77 19.87 1.33
CA ASP A 68 3.66 20.42 -0.05
C ASP A 68 2.70 19.57 -0.88
N GLY A 69 1.62 19.06 -0.27
CA GLY A 69 0.57 18.28 -0.96
C GLY A 69 0.83 16.77 -0.96
N ASN A 70 1.90 16.30 -0.31
CA ASN A 70 2.21 14.85 -0.19
C ASN A 70 2.19 14.43 1.27
N LEU A 71 1.70 13.22 1.51
CA LEU A 71 2.17 12.36 2.62
C LEU A 71 3.53 11.82 2.19
N GLU A 72 4.57 12.09 2.95
CA GLU A 72 5.92 11.57 2.70
C GLU A 72 6.15 10.44 3.69
N ILE A 73 6.51 9.27 3.18
CA ILE A 73 6.87 8.11 4.03
C ILE A 73 8.38 8.01 4.06
N LYS A 74 8.98 8.32 5.21
CA LYS A 74 10.44 8.45 5.41
C LYS A 74 11.06 7.12 5.90
N ALA A 75 12.38 7.03 5.80
CA ALA A 75 13.22 5.94 6.34
C ALA A 75 14.53 6.53 6.90
N GLU A 76 14.95 6.06 8.08
CA GLU A 76 16.20 6.49 8.77
C GLU A 76 16.86 5.25 9.39
N ARG A 77 18.19 5.25 9.48
CA ARG A 77 18.94 4.24 10.27
C ARG A 77 18.41 4.29 11.70
N LYS A 78 17.99 3.16 12.26
CA LYS A 78 17.84 2.97 13.72
C LYS A 78 19.05 2.15 14.19
N PRO A 79 20.06 2.82 14.82
CA PRO A 79 21.33 2.16 15.11
C PRO A 79 21.05 0.95 15.97
N PRO A 80 21.76 -0.19 15.76
CA PRO A 80 22.90 -0.25 14.84
C PRO A 80 22.59 -0.58 13.38
N ASN A 81 21.66 -1.50 13.12
CA ASN A 81 21.44 -2.07 11.76
C ASN A 81 19.95 -2.11 11.39
N LYS A 82 19.06 -1.38 12.07
CA LYS A 82 17.60 -1.40 11.79
C LYS A 82 17.21 -0.16 10.98
N VAL A 83 15.94 -0.10 10.54
CA VAL A 83 15.40 0.99 9.68
C VAL A 83 14.07 1.45 10.27
N TYR A 84 14.04 2.66 10.83
CA TYR A 84 12.79 3.40 11.12
C TYR A 84 12.00 3.48 9.80
N CYS A 85 10.75 3.08 9.82
CA CYS A 85 9.87 3.04 8.61
C CYS A 85 8.58 3.81 8.91
N GLY A 86 8.24 4.81 8.10
CA GLY A 86 6.94 5.51 8.15
C GLY A 86 5.77 4.59 7.83
N VAL A 87 4.62 4.82 8.45
CA VAL A 87 3.43 3.94 8.33
C VAL A 87 2.23 4.79 8.77
N ILE A 88 1.18 4.83 7.97
CA ILE A 88 -0.14 5.34 8.40
C ILE A 88 -1.16 4.24 8.09
N SER A 89 -2.22 4.18 8.87
CA SER A 89 -3.31 3.18 8.71
C SER A 89 -4.63 3.89 9.01
N SER A 90 -5.72 3.46 8.38
CA SER A 90 -7.05 4.06 8.55
C SER A 90 -7.59 3.69 9.94
N ARG A 91 -8.48 4.54 10.47
CA ARG A 91 -9.28 4.20 11.67
C ARG A 91 -10.49 3.40 11.21
N LYS A 92 -10.98 3.64 9.98
CA LYS A 92 -12.20 2.99 9.46
C LYS A 92 -11.82 1.85 8.51
N GLU A 93 -12.69 0.85 8.43
CA GLU A 93 -12.49 -0.39 7.63
C GLU A 93 -13.14 -0.17 6.27
N VAL A 94 -12.62 -0.87 5.26
CA VAL A 94 -13.26 -1.00 3.93
C VAL A 94 -13.76 -2.44 3.78
N ILE A 95 -14.96 -2.59 3.24
CA ILE A 95 -15.52 -3.90 2.84
C ILE A 95 -15.93 -3.81 1.36
N TYR A 96 -15.86 -4.92 0.64
CA TYR A 96 -16.38 -5.00 -0.75
C TYR A 96 -17.85 -4.57 -0.77
N PRO A 97 -18.35 -4.04 -1.90
CA PRO A 97 -17.51 -3.71 -3.05
C PRO A 97 -16.86 -2.33 -2.83
N ALA A 98 -15.59 -2.17 -3.19
CA ALA A 98 -14.93 -0.85 -3.14
C ALA A 98 -13.90 -0.71 -4.25
N TYR A 99 -13.58 0.52 -4.62
CA TYR A 99 -12.37 0.83 -5.42
C TYR A 99 -11.43 1.63 -4.54
N MET A 100 -10.25 1.05 -4.30
CA MET A 100 -9.19 1.63 -3.44
C MET A 100 -7.99 1.91 -4.33
N GLU A 101 -7.54 3.17 -4.37
CA GLU A 101 -6.48 3.60 -5.29
C GLU A 101 -5.62 4.66 -4.59
N ILE A 102 -4.31 4.52 -4.71
CA ILE A 102 -3.33 5.49 -4.18
C ILE A 102 -2.60 6.08 -5.39
N LYS A 103 -2.22 7.34 -5.32
CA LYS A 103 -1.29 7.97 -6.25
C LYS A 103 0.02 8.12 -5.50
N MET A 104 1.06 7.39 -5.90
CA MET A 104 2.36 7.53 -5.20
C MET A 104 3.56 7.44 -6.14
N LYS A 105 4.59 8.16 -5.73
CA LYS A 105 5.96 8.04 -6.28
C LYS A 105 6.73 7.23 -5.24
N ILE A 106 6.97 5.96 -5.55
CA ILE A 106 7.64 5.03 -4.62
C ILE A 106 9.05 5.54 -4.33
N SER A 107 9.69 5.03 -3.29
CA SER A 107 11.09 5.38 -2.97
C SER A 107 12.02 4.72 -4.00
N GLY A 108 13.29 5.13 -3.97
CA GLY A 108 14.39 4.44 -4.67
C GLY A 108 15.16 3.53 -3.76
N LEU A 109 14.68 3.22 -2.56
CA LEU A 109 15.46 2.43 -1.57
C LEU A 109 15.21 0.94 -1.84
N LYS A 110 15.92 0.05 -1.12
CA LYS A 110 15.71 -1.41 -1.18
C LYS A 110 14.45 -1.79 -0.40
N LEU A 111 13.93 -0.91 0.43
CA LEU A 111 12.67 -1.11 1.20
C LEU A 111 11.52 -1.27 0.21
N SER A 112 10.43 -1.88 0.65
CA SER A 112 9.21 -1.98 -0.18
C SER A 112 8.37 -0.71 0.03
N SER A 113 7.87 -0.13 -1.05
CA SER A 113 6.92 0.99 -1.04
C SER A 113 5.51 0.40 -1.22
N ASN A 114 4.64 0.54 -0.21
CA ASN A 114 3.46 -0.35 -0.06
C ASN A 114 2.14 0.42 0.09
N PHE A 115 1.10 -0.09 -0.60
CA PHE A 115 -0.32 0.24 -0.38
C PHE A 115 -1.03 -1.10 -0.23
N TRP A 116 -1.49 -1.38 0.99
CA TRP A 116 -2.12 -2.68 1.26
C TRP A 116 -3.25 -2.54 2.27
N PHE A 117 -3.96 -3.65 2.50
CA PHE A 117 -5.10 -3.76 3.42
C PHE A 117 -4.95 -5.05 4.22
N ILE A 118 -5.32 -4.97 5.49
CA ILE A 118 -5.25 -6.11 6.42
C ILE A 118 -6.42 -6.02 7.39
N SER A 119 -7.04 -7.18 7.65
CA SER A 119 -8.09 -7.28 8.68
C SER A 119 -7.42 -7.05 10.06
N LYS A 120 -8.18 -6.48 10.98
CA LYS A 120 -7.78 -6.29 12.41
C LYS A 120 -7.04 -7.52 12.94
N ASP A 121 -7.58 -8.72 12.76
CA ASP A 121 -7.05 -9.98 13.33
C ASP A 121 -5.90 -10.51 12.49
N GLN A 122 -5.44 -9.70 11.52
CA GLN A 122 -4.19 -9.94 10.76
C GLN A 122 -4.30 -11.21 9.90
N VAL A 123 -5.51 -11.69 9.57
CA VAL A 123 -5.70 -12.96 8.80
C VAL A 123 -5.68 -12.63 7.33
N LEU A 124 -6.44 -11.59 6.95
CA LEU A 124 -6.76 -11.30 5.54
C LEU A 124 -5.94 -10.10 5.05
N GLU A 125 -5.20 -10.29 3.96
CA GLU A 125 -4.28 -9.26 3.42
C GLU A 125 -4.45 -9.12 1.91
N ILE A 126 -4.75 -7.91 1.43
CA ILE A 126 -4.69 -7.59 -0.01
C ILE A 126 -3.53 -6.61 -0.22
N ASP A 127 -2.58 -6.98 -1.08
CA ASP A 127 -1.46 -6.09 -1.47
C ASP A 127 -1.79 -5.48 -2.82
N VAL A 128 -2.27 -4.24 -2.82
CA VAL A 128 -2.62 -3.48 -4.04
C VAL A 128 -1.32 -3.10 -4.75
N ASN A 129 -0.34 -2.63 -4.00
CA ASN A 129 1.04 -2.49 -4.52
C ASN A 129 2.09 -2.69 -3.45
N GLU A 130 3.10 -3.49 -3.81
CA GLU A 130 4.44 -3.56 -3.19
C GLU A 130 5.49 -3.44 -4.31
N THR A 131 6.46 -2.53 -4.17
CA THR A 131 7.62 -2.42 -5.10
C THR A 131 8.89 -2.14 -4.31
N TYR A 132 9.97 -2.83 -4.67
CA TYR A 132 11.34 -2.46 -4.26
C TYR A 132 11.90 -1.45 -5.25
N GLY A 133 12.15 -0.23 -4.79
CA GLY A 133 12.51 0.93 -5.61
C GLY A 133 13.91 0.82 -6.21
N ASN A 134 14.80 -0.01 -5.64
CA ASN A 134 16.22 -0.08 -6.07
C ASN A 134 16.36 -0.90 -7.37
N GLU A 135 15.40 -1.79 -7.65
CA GLU A 135 15.64 -2.91 -8.59
C GLU A 135 15.66 -2.40 -10.03
N PRO A 136 16.67 -2.80 -10.82
CA PRO A 136 16.78 -2.34 -12.20
C PRO A 136 15.49 -2.76 -12.92
N ASP A 137 15.09 -4.01 -12.74
CA ASP A 137 13.82 -4.52 -13.30
C ASP A 137 12.65 -4.21 -12.33
N ARG A 138 12.75 -4.62 -11.07
CA ARG A 138 11.56 -4.75 -10.19
C ARG A 138 11.03 -3.37 -9.76
N SER A 139 11.83 -2.32 -9.82
CA SER A 139 11.42 -0.90 -9.57
C SER A 139 10.42 -0.46 -10.65
N LYS A 140 10.31 -1.24 -11.72
CA LYS A 140 9.37 -0.95 -12.82
C LYS A 140 8.04 -1.66 -12.58
N LYS A 141 7.93 -2.49 -11.52
CA LYS A 141 6.84 -3.47 -11.42
C LYS A 141 5.90 -3.05 -10.28
N MET A 142 4.61 -2.92 -10.61
CA MET A 142 3.51 -2.98 -9.62
C MET A 142 3.49 -4.42 -9.13
N GLY A 143 3.62 -4.62 -7.82
CA GLY A 143 3.53 -5.95 -7.17
C GLY A 143 2.19 -6.14 -6.49
N THR A 144 1.42 -7.12 -6.96
CA THR A 144 0.04 -7.46 -6.48
C THR A 144 0.07 -8.85 -5.85
N ASN A 145 -0.72 -9.03 -4.79
CA ASN A 145 -0.76 -10.27 -4.01
C ASN A 145 -1.96 -10.27 -3.07
N TYR A 146 -2.28 -11.44 -2.55
CA TYR A 146 -3.18 -11.62 -1.38
C TYR A 146 -2.62 -12.77 -0.55
N HIS A 147 -2.97 -12.76 0.74
CA HIS A 147 -2.56 -13.76 1.75
C HIS A 147 -3.73 -13.98 2.70
N ILE A 148 -4.01 -15.24 2.97
CA ILE A 148 -4.85 -15.72 4.11
C ILE A 148 -3.86 -16.41 5.06
N PHE A 149 -3.70 -15.84 6.24
CA PHE A 149 -2.69 -16.28 7.24
C PHE A 149 -3.38 -17.17 8.30
N GLN A 150 -2.75 -18.30 8.61
CA GLN A 150 -2.94 -18.98 9.91
C GLN A 150 -2.06 -18.21 10.89
N ARG A 151 -2.63 -17.77 11.99
CA ARG A 151 -1.86 -16.94 12.94
C ARG A 151 -1.02 -17.78 13.91
N THR A 152 -1.62 -18.68 14.70
CA THR A 152 -0.90 -19.40 15.79
C THR A 152 0.40 -20.03 15.29
N PRO A 153 0.44 -21.18 14.59
CA PRO A 153 1.67 -21.63 13.96
C PRO A 153 1.76 -20.76 12.69
N PHE A 154 2.23 -19.51 12.80
CA PHE A 154 2.28 -18.57 11.64
C PHE A 154 2.54 -19.28 10.32
N LYS A 155 1.56 -19.18 9.43
CA LYS A 155 1.66 -19.82 8.10
C LYS A 155 0.78 -19.05 7.11
N ASP A 156 1.32 -18.75 5.94
CA ASP A 156 0.51 -18.28 4.80
C ASP A 156 -0.20 -19.49 4.20
N LEU A 157 -1.51 -19.52 4.29
CA LEU A 157 -2.28 -20.62 3.65
C LEU A 157 -2.37 -20.42 2.13
N THR A 158 -2.00 -19.25 1.60
CA THR A 158 -2.10 -18.92 0.14
C THR A 158 -0.86 -18.19 -0.33
N PRO A 159 0.33 -18.83 -0.25
CA PRO A 159 1.58 -18.19 -0.68
C PRO A 159 1.68 -18.26 -2.20
N ASN A 160 2.68 -17.58 -2.77
CA ASN A 160 3.00 -17.66 -4.23
C ASN A 160 1.88 -17.07 -5.08
N ASN A 161 1.09 -16.10 -4.59
CA ASN A 161 0.03 -15.43 -5.38
C ASN A 161 0.53 -14.06 -5.91
N GLY A 162 1.83 -13.78 -5.73
CA GLY A 162 2.48 -12.55 -6.21
C GLY A 162 2.47 -12.45 -7.72
N LYS A 163 2.02 -11.35 -8.28
CA LYS A 163 2.06 -11.10 -9.75
C LYS A 163 2.55 -9.68 -9.97
N HIS A 164 3.53 -9.49 -10.85
CA HIS A 164 4.19 -8.20 -11.17
C HIS A 164 3.73 -7.68 -12.54
N TYR A 165 3.47 -6.38 -12.65
CA TYR A 165 2.97 -5.72 -13.89
C TYR A 165 3.78 -4.45 -14.11
N THR A 166 4.22 -4.24 -15.35
CA THR A 166 4.93 -2.99 -15.76
C THR A 166 3.88 -1.93 -16.10
N ALA A 167 4.22 -0.65 -15.88
CA ALA A 167 3.42 0.44 -16.45
C ALA A 167 3.76 0.54 -17.93
N LYS A 168 2.94 1.29 -18.66
CA LYS A 168 3.12 1.54 -20.11
C LYS A 168 4.50 2.15 -20.33
N GLY A 169 5.29 1.53 -21.19
CA GLY A 169 6.68 1.94 -21.53
C GLY A 169 7.68 1.36 -20.54
N ALA A 170 7.18 0.71 -19.49
CA ALA A 170 7.99 0.11 -18.41
C ALA A 170 8.96 1.14 -17.82
N PRO A 171 8.47 2.32 -17.36
CA PRO A 171 9.34 3.26 -16.66
C PRO A 171 9.74 2.70 -15.28
N PHE A 172 10.81 3.20 -14.68
CA PHE A 172 11.06 3.10 -13.23
C PHE A 172 9.92 3.86 -12.53
N LEU A 173 9.20 3.18 -11.65
CA LEU A 173 8.01 3.75 -10.94
C LEU A 173 8.48 4.86 -9.99
N LYS A 174 9.73 4.79 -9.52
CA LYS A 174 10.31 5.80 -8.61
C LYS A 174 10.44 7.15 -9.32
N ASP A 175 10.44 7.20 -10.64
CA ASP A 175 10.72 8.47 -11.35
C ASP A 175 9.45 9.35 -11.40
N GLN A 176 8.27 8.84 -11.07
CA GLN A 176 7.03 9.64 -11.25
C GLN A 176 5.88 9.09 -10.39
N PHE A 177 4.86 9.91 -10.14
CA PHE A 177 3.59 9.43 -9.53
C PHE A 177 2.93 8.45 -10.49
N HIS A 178 2.45 7.34 -9.94
CA HIS A 178 1.58 6.34 -10.62
C HIS A 178 0.37 6.10 -9.73
N ARG A 179 -0.67 5.53 -10.29
CA ARG A 179 -1.87 5.10 -9.54
C ARG A 179 -1.84 3.58 -9.43
N PHE A 180 -2.10 3.10 -8.22
CA PHE A 180 -2.16 1.66 -7.86
C PHE A 180 -3.55 1.44 -7.28
N GLY A 181 -4.38 0.66 -7.98
CA GLY A 181 -5.83 0.57 -7.77
C GLY A 181 -6.26 -0.85 -7.53
N CYS A 182 -7.30 -1.04 -6.72
CA CYS A 182 -7.95 -2.34 -6.50
C CYS A 182 -9.46 -2.16 -6.47
N HIS A 183 -10.15 -2.81 -7.43
CA HIS A 183 -11.61 -3.00 -7.43
C HIS A 183 -11.92 -4.32 -6.71
N TRP A 184 -12.24 -4.22 -5.42
CA TRP A 184 -12.59 -5.35 -4.55
C TRP A 184 -14.10 -5.63 -4.70
N LYS A 185 -14.46 -6.65 -5.49
CA LYS A 185 -15.84 -6.80 -6.03
C LYS A 185 -16.69 -7.63 -5.06
N ASP A 186 -16.12 -8.70 -4.53
CA ASP A 186 -16.83 -9.55 -3.53
C ASP A 186 -15.78 -10.35 -2.79
N ALA A 187 -16.20 -11.39 -2.07
CA ALA A 187 -15.31 -12.10 -1.13
C ALA A 187 -14.26 -12.88 -1.91
N TYR A 188 -14.49 -13.17 -3.20
CA TYR A 188 -13.62 -14.05 -4.01
C TYR A 188 -13.04 -13.34 -5.24
N HIS A 189 -13.37 -12.08 -5.51
CA HIS A 189 -12.93 -11.41 -6.77
C HIS A 189 -12.41 -9.99 -6.51
N ALA A 190 -11.27 -9.67 -7.12
CA ALA A 190 -10.69 -8.32 -7.13
C ALA A 190 -9.96 -8.12 -8.45
N ASP A 191 -10.11 -6.92 -9.02
CA ASP A 191 -9.37 -6.44 -10.21
C ASP A 191 -8.35 -5.39 -9.75
N PHE A 192 -7.13 -5.47 -10.28
CA PHE A 192 -6.02 -4.53 -10.03
C PHE A 192 -5.80 -3.70 -11.30
N TYR A 193 -5.45 -2.43 -11.04
CA TYR A 193 -5.36 -1.31 -12.00
C TYR A 193 -4.07 -0.54 -11.75
N LEU A 194 -3.36 -0.29 -12.81
CA LEU A 194 -2.13 0.52 -12.86
C LEU A 194 -2.42 1.67 -13.82
N ASP A 195 -2.35 2.89 -13.30
CA ASP A 195 -2.62 4.14 -14.03
C ASP A 195 -3.97 4.03 -14.73
N GLY A 196 -4.97 3.46 -14.05
CA GLY A 196 -6.35 3.36 -14.56
C GLY A 196 -6.54 2.22 -15.53
N THR A 197 -5.51 1.43 -15.84
CA THR A 197 -5.60 0.29 -16.80
C THR A 197 -5.61 -1.03 -16.03
N LEU A 198 -6.45 -1.96 -16.48
CA LEU A 198 -6.67 -3.23 -15.77
C LEU A 198 -5.45 -4.10 -16.03
N VAL A 199 -4.82 -4.68 -15.00
CA VAL A 199 -3.64 -5.56 -15.21
C VAL A 199 -3.89 -6.95 -14.64
N ARG A 200 -4.92 -7.15 -13.82
CA ARG A 200 -5.09 -8.46 -13.14
C ARG A 200 -6.53 -8.65 -12.73
N GLN A 201 -7.08 -9.79 -13.17
CA GLN A 201 -8.42 -10.29 -12.82
C GLN A 201 -8.22 -11.45 -11.84
N LEU A 202 -8.33 -11.16 -10.55
CA LEU A 202 -7.98 -12.15 -9.50
C LEU A 202 -9.24 -12.89 -9.06
N THR A 203 -9.15 -14.21 -8.96
CA THR A 203 -10.13 -15.01 -8.18
C THR A 203 -9.39 -15.56 -6.96
N ILE A 204 -9.97 -15.35 -5.80
CA ILE A 204 -9.34 -15.80 -4.53
C ILE A 204 -9.73 -17.26 -4.30
N GLU A 205 -8.74 -18.09 -3.97
CA GLU A 205 -8.89 -19.50 -3.54
C GLU A 205 -8.70 -19.57 -2.02
N ASP A 206 -9.76 -19.84 -1.26
CA ASP A 206 -9.71 -19.90 0.23
C ASP A 206 -9.65 -21.36 0.69
N PRO A 207 -8.50 -21.87 1.22
CA PRO A 207 -8.40 -23.27 1.67
C PRO A 207 -8.76 -23.48 3.15
N ARG A 208 -9.26 -22.43 3.80
CA ARG A 208 -9.67 -22.52 5.22
C ARG A 208 -10.85 -23.49 5.36
N THR A 209 -10.91 -24.14 6.53
CA THR A 209 -12.07 -24.93 7.00
C THR A 209 -13.37 -24.20 6.65
N SER A 210 -13.44 -22.91 6.95
CA SER A 210 -14.58 -22.03 6.58
C SER A 210 -14.15 -21.12 5.41
N GLY A 211 -14.39 -21.54 4.17
CA GLY A 211 -13.90 -20.83 2.98
C GLY A 211 -14.77 -19.64 2.65
N VAL A 212 -14.86 -18.67 3.54
CA VAL A 212 -15.74 -17.48 3.35
C VAL A 212 -14.99 -16.41 2.53
N GLY A 213 -13.73 -16.64 2.16
CA GLY A 213 -12.94 -15.66 1.41
C GLY A 213 -12.75 -14.33 2.14
N PHE A 214 -12.65 -13.23 1.40
CA PHE A 214 -12.33 -11.88 1.95
C PHE A 214 -13.62 -11.17 2.32
N ASN A 215 -14.13 -11.48 3.52
CA ASN A 215 -15.49 -11.13 3.99
C ASN A 215 -15.38 -10.23 5.22
N GLN A 216 -14.18 -9.88 5.63
CA GLN A 216 -14.01 -8.97 6.80
C GLN A 216 -13.63 -7.58 6.31
N GLY A 217 -13.98 -6.56 7.10
CA GLY A 217 -13.43 -5.20 7.01
C GLY A 217 -11.92 -5.23 7.09
N LEU A 218 -11.28 -4.48 6.19
CA LEU A 218 -9.80 -4.36 6.15
C LEU A 218 -9.46 -2.91 6.44
N LEU A 219 -8.36 -2.73 7.19
CA LEU A 219 -7.79 -1.39 7.40
C LEU A 219 -6.74 -1.12 6.32
N MET A 220 -6.73 0.10 5.85
CA MET A 220 -5.72 0.58 4.89
C MET A 220 -4.39 0.79 5.61
N VAL A 221 -3.30 0.37 4.96
CA VAL A 221 -1.91 0.64 5.40
C VAL A 221 -1.17 1.24 4.21
N ILE A 222 -0.52 2.36 4.49
CA ILE A 222 0.43 3.03 3.57
C ILE A 222 1.75 3.02 4.35
N ASP A 223 2.74 2.28 3.87
CA ASP A 223 4.01 2.20 4.64
C ASP A 223 5.19 1.94 3.70
N THR A 224 6.39 1.90 4.29
CA THR A 224 7.57 1.28 3.64
C THR A 224 8.10 0.24 4.63
N GLU A 225 8.70 -0.81 4.11
CA GLU A 225 9.14 -1.94 4.96
C GLU A 225 10.46 -2.50 4.44
N ASP A 226 11.36 -2.81 5.36
CA ASP A 226 12.47 -3.77 5.12
C ASP A 226 11.90 -5.17 5.24
N HIS A 227 11.89 -5.93 4.15
CA HIS A 227 11.37 -7.31 4.11
C HIS A 227 12.48 -8.27 4.53
N ASP A 228 12.15 -9.17 5.47
CA ASP A 228 13.12 -10.06 6.16
C ASP A 228 13.85 -10.91 5.13
N TRP A 229 13.13 -11.50 4.18
CA TRP A 229 13.74 -12.34 3.12
C TRP A 229 14.81 -11.56 2.35
N ARG A 230 14.75 -10.23 2.30
CA ARG A 230 15.77 -9.41 1.58
C ARG A 230 16.95 -9.13 2.51
N SER A 231 16.70 -8.55 3.69
CA SER A 231 17.78 -8.15 4.63
C SER A 231 18.53 -9.40 5.10
N LYS A 232 17.89 -10.57 5.13
CA LYS A 232 18.59 -11.86 5.44
C LYS A 232 19.50 -12.26 4.26
N LYS A 233 19.17 -11.89 3.02
CA LYS A 233 20.05 -12.08 1.83
C LYS A 233 21.11 -10.99 1.71
N GLY A 234 21.21 -10.06 2.67
CA GLY A 234 22.17 -8.94 2.62
C GLY A 234 21.71 -7.80 1.70
N ILE A 235 20.42 -7.75 1.36
CA ILE A 235 19.83 -6.64 0.56
C ILE A 235 19.01 -5.78 1.52
N THR A 236 19.57 -4.65 1.93
CA THR A 236 18.94 -3.70 2.88
C THR A 236 19.58 -2.33 2.69
N PRO A 237 18.86 -1.21 2.86
CA PRO A 237 19.46 0.10 2.63
C PRO A 237 20.76 0.25 3.41
N THR A 238 21.75 0.89 2.79
CA THR A 238 22.99 1.35 3.46
C THR A 238 22.70 2.71 4.10
N ASP A 239 23.63 3.20 4.91
CA ASP A 239 23.56 4.52 5.57
C ASP A 239 23.49 5.64 4.50
N ASP A 240 24.30 5.56 3.44
CA ASP A 240 24.41 6.65 2.43
C ASP A 240 23.10 6.72 1.61
N GLU A 241 22.53 5.55 1.31
CA GLU A 241 21.21 5.37 0.63
C GLU A 241 20.14 6.05 1.48
N LEU A 242 20.09 5.75 2.78
CA LEU A 242 19.06 6.33 3.68
C LEU A 242 19.18 7.85 3.71
N LEU A 243 20.37 8.38 3.44
CA LEU A 243 20.70 9.84 3.57
C LEU A 243 20.53 10.57 2.24
N ASP A 244 20.53 9.83 1.13
CA ASP A 244 20.39 10.32 -0.26
C ASP A 244 18.95 10.83 -0.50
N GLU A 245 18.76 12.16 -0.46
CA GLU A 245 17.43 12.84 -0.51
C GLU A 245 16.79 12.60 -1.88
N THR A 246 17.56 12.07 -2.83
CA THR A 246 17.14 11.71 -4.21
C THR A 246 16.31 10.41 -4.24
N ILE A 247 16.44 9.53 -3.25
CA ILE A 247 15.87 8.16 -3.32
C ILE A 247 15.22 7.73 -1.99
N ASN A 248 15.31 8.50 -0.92
CA ASN A 248 15.05 7.96 0.44
C ASN A 248 13.58 8.13 0.86
N THR A 249 12.72 8.67 -0.01
CA THR A 249 11.33 9.08 0.35
C THR A 249 10.31 8.52 -0.64
N MET A 250 9.23 7.96 -0.09
CA MET A 250 8.02 7.56 -0.83
C MET A 250 6.95 8.67 -0.63
N TYR A 251 6.45 9.20 -1.74
CA TYR A 251 5.52 10.37 -1.80
C TYR A 251 4.13 9.85 -2.19
N VAL A 252 3.14 10.23 -1.40
CA VAL A 252 1.71 9.91 -1.66
C VAL A 252 0.95 11.21 -1.89
N ASP A 253 0.56 11.48 -3.12
CA ASP A 253 -0.11 12.76 -3.48
C ASP A 253 -1.54 12.67 -2.96
N TRP A 254 -2.18 11.52 -3.15
CA TRP A 254 -3.55 11.29 -2.66
C TRP A 254 -3.81 9.79 -2.52
N VAL A 255 -4.81 9.45 -1.72
CA VAL A 255 -5.45 8.12 -1.69
C VAL A 255 -6.96 8.29 -1.78
N ARG A 256 -7.64 7.33 -2.40
CA ARG A 256 -9.11 7.40 -2.52
C ARG A 256 -9.70 6.00 -2.40
N VAL A 257 -10.90 5.98 -1.86
CA VAL A 257 -11.76 4.79 -1.74
C VAL A 257 -13.18 5.18 -2.15
N TYR A 258 -13.74 4.47 -3.13
CA TYR A 258 -15.08 4.74 -3.71
C TYR A 258 -15.96 3.54 -3.39
N LYS A 259 -17.25 3.81 -3.25
CA LYS A 259 -18.31 2.84 -2.93
C LYS A 259 -19.42 2.99 -3.97
N PRO A 260 -20.19 1.94 -4.31
CA PRO A 260 -21.35 2.13 -5.18
C PRO A 260 -22.38 3.07 -4.53
N LYS A 261 -23.16 3.78 -5.36
CA LYS A 261 -24.19 4.79 -4.95
C LYS A 261 -25.57 4.13 -4.80
#